data_3HIK
#
_entry.id   3HIK
#
_cell.length_a   35.200
_cell.length_b   65.800
_cell.length_c   104.100
_cell.angle_alpha   90.00
_cell.angle_beta   90.00
_cell.angle_gamma   90.00
#
_symmetry.space_group_name_H-M   'P 21 21 21'
#
loop_
_entity.id
_entity.type
_entity.pdbx_description
1 polymer 'Serine/threonine-protein kinase PLK1'
2 polymer 'Pentamer phosphopeptide'
3 non-polymer GLYCEROL
4 non-polymer 1,2-ETHANEDIOL
5 water water
#
loop_
_entity_poly.entity_id
_entity_poly.type
_entity_poly.pdbx_seq_one_letter_code
_entity_poly.pdbx_strand_id
1 'polypeptide(L)'
;GEVVDCHLSDMLQQLHSVNASKPSERGLVRQEEAEDPACIPIFWVSKWVDYSDKYGLGYQLCDNSVGVLFNDSTRLILYN
DGDSLQYIERDGTESYLTVSSHPNSLMKKITLLKYFRNYMSEHLLKAGANITPREGDELARLPYLRTWFRTRSAIILHLS
NGSVQINFFQDHTKLILCPLMAAVTYIDEKRDFRTYRLSLLEEYGCCKELASRLRYARTMVDKLLSSRSASNRLKAS
;
A
2 'polypeptide(L)' (ACE)PLHS(TPO) B
#
# COMPACT_ATOMS: atom_id res chain seq x y z
N ASP A 5 14.67 -4.18 3.64
CA ASP A 5 15.01 -5.58 4.06
C ASP A 5 15.00 -6.54 2.86
N CYS A 6 14.72 -7.83 3.13
CA CYS A 6 14.64 -8.83 2.03
C CYS A 6 13.37 -8.73 1.17
N HIS A 7 12.26 -8.31 1.78
CA HIS A 7 11.03 -8.04 1.01
C HIS A 7 11.35 -7.04 -0.09
N LEU A 8 12.02 -5.95 0.25
CA LEU A 8 12.32 -4.91 -0.72
C LEU A 8 13.35 -5.41 -1.73
N SER A 9 14.34 -6.13 -1.21
CA SER A 9 15.40 -6.69 -2.08
C SER A 9 14.81 -7.67 -3.07
N ASP A 10 13.93 -8.56 -2.59
CA ASP A 10 13.18 -9.44 -3.49
C ASP A 10 12.39 -8.66 -4.52
N MET A 11 11.64 -7.62 -4.08
CA MET A 11 10.85 -6.84 -5.00
C MET A 11 11.68 -6.14 -6.05
N LEU A 12 12.85 -5.63 -5.65
CA LEU A 12 13.73 -4.99 -6.64
C LEU A 12 14.15 -5.99 -7.75
N GLN A 13 14.46 -7.19 -7.39
CA GLN A 13 14.89 -8.19 -8.38
C GLN A 13 13.74 -8.62 -9.30
N GLN A 14 12.54 -8.75 -8.72
CA GLN A 14 11.36 -9.13 -9.48
C GLN A 14 11.08 -8.04 -10.49
N LEU A 15 11.20 -6.77 -10.07
CA LEU A 15 10.98 -5.66 -10.99
C LEU A 15 12.08 -5.58 -12.04
N HIS A 16 13.31 -5.82 -11.62
CA HIS A 16 14.39 -5.66 -12.52
C HIS A 16 14.23 -6.73 -13.66
N SER A 17 13.86 -7.95 -13.27
CA SER A 17 13.66 -9.07 -14.23
C SER A 17 12.58 -8.76 -15.26
N VAL A 18 11.43 -8.25 -14.80
CA VAL A 18 10.43 -7.76 -15.74
C VAL A 18 10.96 -6.68 -16.66
N ASN A 19 11.54 -5.64 -16.09
CA ASN A 19 11.93 -4.50 -16.89
C ASN A 19 13.04 -4.90 -17.93
N ALA A 20 13.91 -5.84 -17.54
CA ALA A 20 15.04 -6.28 -18.38
C ALA A 20 14.57 -7.16 -19.54
N SER A 21 13.28 -7.52 -19.52
CA SER A 21 12.70 -8.39 -20.53
C SER A 21 12.03 -7.52 -21.58
N LYS A 22 12.06 -6.20 -21.35
CA LYS A 22 11.49 -5.20 -22.25
C LYS A 22 10.09 -5.65 -22.66
N PRO A 23 9.12 -5.65 -21.73
CA PRO A 23 7.85 -6.32 -21.97
C PRO A 23 6.89 -5.63 -22.95
N SER A 24 7.05 -4.33 -23.19
CA SER A 24 6.24 -3.64 -24.19
C SER A 24 6.86 -3.68 -25.62
N GLU A 25 7.94 -4.44 -25.76
CA GLU A 25 8.63 -4.64 -27.04
C GLU A 25 8.50 -6.09 -27.56
N ARG A 26 7.49 -6.82 -27.08
CA ARG A 26 7.18 -8.10 -27.67
C ARG A 26 6.46 -7.85 -29.01
N GLY A 27 6.71 -8.72 -30.00
CA GLY A 27 6.00 -8.63 -31.29
C GLY A 27 4.50 -8.71 -31.02
N LEU A 28 4.12 -9.78 -30.32
CA LEU A 28 2.77 -9.98 -29.78
C LEU A 28 2.76 -9.87 -28.23
N VAL A 29 2.16 -8.79 -27.72
CA VAL A 29 1.96 -8.64 -26.27
C VAL A 29 0.69 -9.37 -25.82
N ARG A 30 0.82 -10.32 -24.89
CA ARG A 30 -0.35 -11.04 -24.39
C ARG A 30 -0.60 -10.80 -22.88
N GLN A 31 -0.73 -9.51 -22.51
CA GLN A 31 -0.84 -9.05 -21.10
C GLN A 31 -1.87 -9.84 -20.29
N GLU A 32 -3.05 -10.02 -20.90
CA GLU A 32 -4.13 -10.80 -20.35
C GLU A 32 -3.68 -12.16 -19.87
N GLU A 33 -2.68 -12.76 -20.51
CA GLU A 33 -2.18 -14.08 -20.07
C GLU A 33 -1.37 -14.08 -18.76
N ALA A 34 -0.99 -12.89 -18.32
CA ALA A 34 -0.16 -12.72 -17.13
C ALA A 34 -1.02 -12.53 -15.89
N GLU A 35 -2.33 -12.36 -16.10
CA GLU A 35 -3.32 -12.29 -15.00
C GLU A 35 -3.39 -13.50 -14.08
N ASP A 36 -3.39 -13.24 -12.78
CA ASP A 36 -3.63 -14.29 -11.81
C ASP A 36 -4.47 -13.79 -10.63
N PRO A 37 -5.77 -14.18 -10.59
CA PRO A 37 -6.72 -13.76 -9.55
C PRO A 37 -6.37 -14.31 -8.18
N ALA A 38 -5.61 -15.38 -8.15
CA ALA A 38 -5.24 -16.02 -6.93
C ALA A 38 -4.29 -15.11 -6.11
N CYS A 39 -3.67 -14.16 -6.81
CA CYS A 39 -2.62 -13.28 -6.26
C CYS A 39 -3.13 -11.91 -5.84
N ILE A 40 -4.41 -11.67 -5.99
CA ILE A 40 -4.87 -10.34 -5.64
C ILE A 40 -4.57 -10.02 -4.16
N PRO A 41 -4.23 -8.76 -3.87
CA PRO A 41 -3.79 -8.48 -2.53
C PRO A 41 -4.83 -8.67 -1.45
N ILE A 42 -4.37 -8.97 -0.27
CA ILE A 42 -5.20 -9.07 0.92
C ILE A 42 -5.49 -7.66 1.45
N PHE A 43 -4.48 -6.79 1.32
CA PHE A 43 -4.57 -5.44 1.87
C PHE A 43 -4.01 -4.40 0.89
N TRP A 44 -4.64 -3.24 0.83
CA TRP A 44 -3.99 -2.08 0.23
C TRP A 44 -4.48 -0.82 0.92
N VAL A 45 -3.85 0.30 0.56
CA VAL A 45 -4.25 1.62 1.11
C VAL A 45 -5.40 2.23 0.30
N SER A 46 -6.59 2.31 0.91
CA SER A 46 -7.74 2.81 0.18
C SER A 46 -7.99 4.29 0.30
N LYS A 47 -7.49 4.85 1.41
CA LYS A 47 -7.50 6.33 1.61
C LYS A 47 -6.26 6.76 2.42
N TRP A 48 -5.86 8.01 2.25
CA TRP A 48 -4.77 8.58 3.07
C TRP A 48 -4.93 10.14 3.14
N VAL A 49 -4.38 10.66 4.24
CA VAL A 49 -4.34 12.09 4.56
C VAL A 49 -2.96 12.43 5.17
N ASP A 50 -2.23 13.31 4.49
CA ASP A 50 -0.95 13.80 4.96
C ASP A 50 -1.18 15.03 5.84
N TYR A 51 -1.21 14.81 7.14
CA TYR A 51 -1.24 15.90 8.11
C TYR A 51 0.14 15.96 8.82
N SER A 52 1.21 15.71 8.09
CA SER A 52 2.51 15.56 8.74
C SER A 52 3.11 16.91 9.13
N ASP A 53 2.58 18.02 8.58
CA ASP A 53 2.84 19.36 9.16
C ASP A 53 2.59 19.40 10.68
N LYS A 54 1.60 18.65 11.18
CA LYS A 54 1.22 18.75 12.60
C LYS A 54 1.18 17.43 13.39
N TYR A 55 0.75 16.34 12.74
CA TYR A 55 0.47 15.11 13.49
C TYR A 55 1.13 13.86 12.92
N GLY A 56 0.89 13.67 11.63
CA GLY A 56 1.35 12.45 10.99
C GLY A 56 0.57 12.16 9.73
N LEU A 57 0.67 10.91 9.30
CA LEU A 57 0.05 10.48 8.05
C LEU A 57 -1.01 9.44 8.45
N GLY A 58 -2.27 9.70 8.13
CA GLY A 58 -3.36 8.79 8.51
C GLY A 58 -3.75 8.05 7.24
N TYR A 59 -4.26 6.84 7.43
CA TYR A 59 -4.65 6.04 6.25
C TYR A 59 -5.74 5.04 6.60
N GLN A 60 -6.42 4.53 5.56
CA GLN A 60 -7.43 3.52 5.73
C GLN A 60 -6.92 2.37 4.85
N LEU A 61 -7.02 1.18 5.39
CA LEU A 61 -6.76 -0.05 4.56
C LEU A 61 -8.09 -0.51 4.01
N CYS A 62 -8.04 -1.28 2.91
CA CYS A 62 -9.26 -1.64 2.20
C CYS A 62 -10.23 -2.44 3.11
N ASP A 63 -9.78 -2.97 4.24
CA ASP A 63 -10.73 -3.64 5.19
C ASP A 63 -11.48 -2.68 6.15
N ASN A 64 -11.31 -1.38 5.92
CA ASN A 64 -11.80 -0.25 6.77
C ASN A 64 -11.12 -0.06 8.16
N SER A 65 -10.06 -0.78 8.43
CA SER A 65 -9.15 -0.46 9.56
C SER A 65 -8.50 0.85 9.20
N VAL A 66 -8.07 1.60 10.21
CA VAL A 66 -7.42 2.90 9.97
C VAL A 66 -6.11 2.84 10.76
N GLY A 67 -5.11 3.57 10.32
CA GLY A 67 -3.90 3.67 11.12
C GLY A 67 -3.32 5.08 10.98
N VAL A 68 -2.34 5.38 11.83
CA VAL A 68 -1.63 6.64 11.74
C VAL A 68 -0.16 6.38 11.97
N LEU A 69 0.71 6.99 11.16
CA LEU A 69 2.13 7.01 11.50
C LEU A 69 2.43 8.45 11.90
N PHE A 70 2.51 8.63 13.20
CA PHE A 70 2.64 9.93 13.82
C PHE A 70 4.07 10.49 13.66
N ASN A 71 4.16 11.81 13.77
CA ASN A 71 5.43 12.51 13.63
C ASN A 71 6.49 12.03 14.61
N ASP A 72 6.08 11.55 15.78
CA ASP A 72 7.00 11.03 16.79
C ASP A 72 7.43 9.58 16.57
N SER A 73 7.16 9.06 15.38
CA SER A 73 7.51 7.68 15.06
C SER A 73 6.70 6.59 15.78
N THR A 74 5.59 6.95 16.41
CA THR A 74 4.76 5.92 17.01
C THR A 74 3.65 5.61 15.98
N ARG A 75 2.94 4.50 16.17
CA ARG A 75 1.91 4.11 15.22
C ARG A 75 0.73 3.59 15.99
N LEU A 76 -0.45 3.97 15.55
CA LEU A 76 -1.68 3.54 16.14
C LEU A 76 -2.62 3.07 15.03
N ILE A 77 -3.29 1.93 15.28
CA ILE A 77 -4.09 1.23 14.30
C ILE A 77 -5.40 0.88 15.04
N LEU A 78 -6.52 1.25 14.43
CA LEU A 78 -7.86 0.92 14.93
C LEU A 78 -8.43 -0.14 13.95
N TYR A 79 -8.66 -1.36 14.46
CA TYR A 79 -9.24 -2.51 13.70
C TYR A 79 -10.65 -2.20 13.20
N ASN A 80 -11.19 -3.00 12.28
CA ASN A 80 -12.45 -2.60 11.66
C ASN A 80 -13.68 -2.79 12.55
N ASP A 81 -13.48 -3.36 13.73
CA ASP A 81 -14.53 -3.42 14.75
C ASP A 81 -14.78 -2.07 15.41
N GLY A 82 -13.86 -1.12 15.19
CA GLY A 82 -13.99 0.24 15.75
C GLY A 82 -13.70 0.37 17.23
N ASP A 83 -13.21 -0.70 17.82
CA ASP A 83 -12.76 -0.67 19.20
C ASP A 83 -11.31 -1.08 19.40
N SER A 84 -10.88 -2.16 18.73
CA SER A 84 -9.59 -2.80 19.00
C SER A 84 -8.43 -1.93 18.46
N LEU A 85 -7.41 -1.68 19.29
CA LEU A 85 -6.22 -0.86 18.92
C LEU A 85 -4.94 -1.67 18.98
N GLN A 86 -4.00 -1.29 18.16
CA GLN A 86 -2.65 -1.80 18.22
C GLN A 86 -1.78 -0.55 18.24
N TYR A 87 -0.95 -0.41 19.25
CA TYR A 87 -0.04 0.75 19.39
C TYR A 87 1.42 0.30 19.33
N ILE A 88 2.22 1.01 18.53
CA ILE A 88 3.63 0.67 18.40
C ILE A 88 4.46 1.90 18.75
N GLU A 89 5.21 1.76 19.83
CA GLU A 89 6.04 2.83 20.35
C GLU A 89 7.33 3.03 19.55
N ARG A 90 8.07 4.09 19.86
CA ARG A 90 9.27 4.34 19.08
C ARG A 90 10.22 3.14 19.24
N ASP A 91 10.36 2.64 20.47
CA ASP A 91 11.32 1.55 20.76
C ASP A 91 10.87 0.20 20.19
N GLY A 92 9.71 0.18 19.50
CA GLY A 92 9.13 -1.06 18.93
C GLY A 92 8.11 -1.77 19.84
N THR A 93 7.98 -1.33 21.09
CA THR A 93 7.05 -1.98 21.99
C THR A 93 5.63 -1.94 21.39
N GLU A 94 4.99 -3.10 21.32
CA GLU A 94 3.69 -3.25 20.69
C GLU A 94 2.66 -3.62 21.73
N SER A 95 1.54 -2.89 21.78
CA SER A 95 0.45 -3.10 22.76
C SER A 95 -0.92 -3.25 22.10
N TYR A 96 -1.73 -4.16 22.63
CA TYR A 96 -3.07 -4.38 22.13
C TYR A 96 -4.01 -3.92 23.20
N LEU A 97 -4.94 -3.05 22.82
CA LEU A 97 -5.89 -2.48 23.77
C LEU A 97 -7.17 -2.11 23.06
N THR A 98 -8.12 -1.57 23.81
CA THR A 98 -9.37 -1.09 23.23
C THR A 98 -9.53 0.41 23.41
N VAL A 99 -10.17 1.07 22.44
CA VAL A 99 -10.55 2.47 22.57
C VAL A 99 -11.38 2.66 23.83
N SER A 100 -12.14 1.61 24.18
CA SER A 100 -13.15 1.57 25.25
C SER A 100 -12.66 1.22 26.66
N SER A 101 -11.58 0.45 26.78
CA SER A 101 -10.75 0.49 27.98
C SER A 101 -10.23 1.92 27.91
N HIS A 102 -9.79 2.49 29.02
CA HIS A 102 -9.54 3.92 29.00
C HIS A 102 -8.07 4.28 29.31
N PRO A 103 -7.14 4.05 28.34
CA PRO A 103 -5.71 4.39 28.50
C PRO A 103 -5.41 5.92 28.42
N ASN A 104 -5.15 6.55 29.58
CA ASN A 104 -5.07 8.03 29.66
C ASN A 104 -4.02 8.65 28.77
N SER A 105 -2.85 8.01 28.71
CA SER A 105 -1.72 8.49 27.92
C SER A 105 -1.98 8.44 26.39
N LEU A 106 -2.95 7.63 25.97
CA LEU A 106 -3.23 7.47 24.55
C LEU A 106 -4.46 8.20 24.08
N MET A 107 -5.20 8.83 25.01
CA MET A 107 -6.45 9.46 24.59
C MET A 107 -6.27 10.54 23.54
N LYS A 108 -5.19 11.32 23.58
CA LYS A 108 -4.98 12.32 22.54
C LYS A 108 -4.70 11.69 21.17
N LYS A 109 -3.90 10.63 21.20
CA LYS A 109 -3.62 9.88 19.98
C LYS A 109 -4.88 9.18 19.47
N ILE A 110 -5.68 8.62 20.38
CA ILE A 110 -6.95 7.99 19.97
C ILE A 110 -7.86 9.01 19.31
N THR A 111 -8.02 10.21 19.91
CA THR A 111 -8.91 11.17 19.30
C THR A 111 -8.39 11.71 18.00
N LEU A 112 -7.06 11.79 17.84
CA LEU A 112 -6.43 12.13 16.58
C LEU A 112 -6.74 11.04 15.51
N LEU A 113 -6.64 9.78 15.91
CA LEU A 113 -6.94 8.72 14.91
C LEU A 113 -8.43 8.79 14.51
N LYS A 114 -9.32 8.86 15.50
CA LYS A 114 -10.75 9.08 15.25
C LYS A 114 -11.03 10.29 14.34
N TYR A 115 -10.28 11.39 14.50
CA TYR A 115 -10.37 12.50 13.56
C TYR A 115 -10.04 12.14 12.09
N PHE A 116 -8.86 11.54 11.87
CA PHE A 116 -8.50 11.01 10.55
C PHE A 116 -9.60 10.05 9.99
N ARG A 117 -10.09 9.13 10.83
CA ARG A 117 -11.02 8.08 10.37
C ARG A 117 -12.24 8.77 9.89
N ASN A 118 -12.62 9.81 10.67
CA ASN A 118 -13.86 10.51 10.40
C ASN A 118 -13.72 11.41 9.20
N TYR A 119 -12.56 12.04 9.02
CA TYR A 119 -12.27 12.86 7.82
C TYR A 119 -12.34 12.03 6.54
N MET A 120 -11.67 10.89 6.57
CA MET A 120 -11.55 10.07 5.37
C MET A 120 -12.94 9.52 5.01
N SER A 121 -13.67 9.08 6.04
CA SER A 121 -15.07 8.60 5.93
C SER A 121 -16.01 9.63 5.31
N GLU A 122 -16.01 10.87 5.80
CA GLU A 122 -16.84 11.93 5.18
C GLU A 122 -16.43 12.36 3.76
N HIS A 123 -15.13 12.42 3.45
CA HIS A 123 -14.66 13.19 2.27
C HIS A 123 -14.03 12.47 1.05
N LEU A 124 -13.40 11.33 1.31
CA LEU A 124 -12.48 10.70 0.34
C LEU A 124 -13.11 9.45 -0.27
N LEU A 125 -12.76 9.16 -1.52
CA LEU A 125 -13.25 7.95 -2.20
C LEU A 125 -12.43 6.73 -1.78
N LYS A 126 -13.01 5.53 -1.81
CA LYS A 126 -12.28 4.35 -1.40
C LYS A 126 -11.59 3.73 -2.62
N ALA A 127 -10.26 3.67 -2.61
CA ALA A 127 -9.56 3.10 -3.79
C ALA A 127 -9.82 1.60 -3.79
N GLY A 128 -10.11 1.05 -4.96
CA GLY A 128 -10.41 -0.39 -5.13
C GLY A 128 -11.73 -0.78 -4.45
N ALA A 129 -12.70 0.15 -4.37
CA ALA A 129 -13.98 -0.15 -3.71
C ALA A 129 -14.68 -1.38 -4.32
N ASN A 130 -14.58 -1.46 -5.64
CA ASN A 130 -15.17 -2.56 -6.46
C ASN A 130 -14.51 -3.93 -6.35
N ILE A 131 -13.38 -4.01 -5.63
CA ILE A 131 -12.59 -5.24 -5.55
C ILE A 131 -12.63 -5.98 -4.23
N THR A 132 -12.86 -7.29 -4.33
CA THR A 132 -12.74 -8.16 -3.18
C THR A 132 -11.33 -8.64 -2.96
N PRO A 133 -10.72 -8.25 -1.81
CA PRO A 133 -9.40 -8.76 -1.52
C PRO A 133 -9.39 -10.28 -1.53
N ARG A 134 -8.23 -10.86 -1.75
CA ARG A 134 -8.11 -12.29 -1.66
C ARG A 134 -8.16 -12.73 -0.19
N GLU A 135 -8.45 -14.01 0.03
CA GLU A 135 -8.53 -14.57 1.38
C GLU A 135 -7.16 -14.67 2.09
N GLY A 136 -7.05 -14.08 3.29
CA GLY A 136 -5.83 -14.13 4.07
C GLY A 136 -5.83 -15.11 5.25
N ASP A 137 -4.65 -15.68 5.56
CA ASP A 137 -4.49 -16.69 6.62
C ASP A 137 -5.14 -16.35 7.97
N GLU A 138 -5.75 -17.35 8.60
CA GLU A 138 -6.59 -17.13 9.78
C GLU A 138 -5.90 -16.32 10.87
N LEU A 139 -4.64 -16.65 11.16
CA LEU A 139 -3.88 -16.05 12.28
C LEU A 139 -2.86 -14.95 11.87
N ALA A 140 -2.92 -14.54 10.61
CA ALA A 140 -2.05 -13.48 10.07
C ALA A 140 -2.33 -12.11 10.71
N ARG A 141 -1.32 -11.25 10.78
CA ARG A 141 -1.44 -9.94 11.40
C ARG A 141 -1.90 -8.86 10.40
N LEU A 142 -2.56 -7.81 10.91
CA LEU A 142 -2.89 -6.66 10.09
C LEU A 142 -1.59 -5.90 9.89
N PRO A 143 -1.27 -5.51 8.63
CA PRO A 143 -0.07 -4.72 8.32
C PRO A 143 -0.25 -3.28 8.76
N TYR A 144 0.88 -2.65 9.04
CA TYR A 144 0.88 -1.20 9.28
C TYR A 144 1.79 -0.52 8.24
N LEU A 145 1.74 0.81 8.22
CA LEU A 145 2.55 1.57 7.33
C LEU A 145 3.97 1.67 7.92
N ARG A 146 4.92 1.01 7.26
CA ARG A 146 6.30 1.08 7.67
C ARG A 146 6.93 2.45 7.29
N THR A 147 6.79 2.86 6.03
CA THR A 147 7.38 4.09 5.51
C THR A 147 6.52 4.60 4.39
N TRP A 148 6.66 5.90 4.11
CA TRP A 148 6.02 6.54 2.98
C TRP A 148 6.88 7.75 2.55
N PHE A 149 6.69 8.16 1.32
CA PHE A 149 7.26 9.42 0.80
C PHE A 149 6.52 9.82 -0.42
N ARG A 150 6.72 11.05 -0.83
CA ARG A 150 6.09 11.55 -2.02
C ARG A 150 7.17 12.01 -2.97
N THR A 151 6.85 11.96 -4.27
CA THR A 151 7.67 12.59 -5.29
C THR A 151 6.74 13.61 -5.92
N ARG A 152 7.19 14.31 -6.94
CA ARG A 152 6.30 15.25 -7.59
C ARG A 152 5.20 14.52 -8.37
N SER A 153 5.37 13.23 -8.64
CA SER A 153 4.38 12.52 -9.40
C SER A 153 3.53 11.42 -8.68
N ALA A 154 3.97 10.95 -7.52
CA ALA A 154 3.28 9.88 -6.79
C ALA A 154 3.50 9.91 -5.28
N ILE A 155 2.69 9.16 -4.53
CA ILE A 155 2.98 8.85 -3.13
C ILE A 155 3.27 7.36 -3.07
N ILE A 156 4.31 7.04 -2.33
CA ILE A 156 4.82 5.69 -2.20
C ILE A 156 4.58 5.22 -0.78
N LEU A 157 3.87 4.09 -0.66
CA LEU A 157 3.52 3.54 0.64
C LEU A 157 4.05 2.11 0.88
N HIS A 158 4.86 1.94 1.91
CA HIS A 158 5.47 0.62 2.16
C HIS A 158 4.86 0.00 3.42
N LEU A 159 4.13 -1.12 3.24
CA LEU A 159 3.48 -1.76 4.36
C LEU A 159 4.35 -2.79 4.99
N SER A 160 4.05 -3.10 6.23
CA SER A 160 4.84 -4.04 7.02
C SER A 160 4.72 -5.49 6.52
N ASN A 161 3.75 -5.79 5.66
CA ASN A 161 3.70 -7.15 5.08
C ASN A 161 4.59 -7.29 3.83
N GLY A 162 5.36 -6.24 3.52
CA GLY A 162 6.25 -6.19 2.35
C GLY A 162 5.63 -5.59 1.11
N SER A 163 4.32 -5.30 1.11
CA SER A 163 3.72 -4.61 -0.02
C SER A 163 4.20 -3.18 -0.20
N VAL A 164 4.26 -2.75 -1.45
CA VAL A 164 4.55 -1.39 -1.85
C VAL A 164 3.47 -0.96 -2.75
N GLN A 165 2.89 0.17 -2.37
CA GLN A 165 1.83 0.76 -3.14
C GLN A 165 2.25 2.10 -3.65
N ILE A 166 1.95 2.35 -4.92
CA ILE A 166 2.32 3.59 -5.54
C ILE A 166 1.12 4.25 -6.23
N ASN A 167 0.66 5.41 -5.70
CA ASN A 167 -0.45 6.17 -6.31
C ASN A 167 0.04 7.33 -7.14
N PHE A 168 -0.23 7.26 -8.45
CA PHE A 168 0.16 8.32 -9.40
C PHE A 168 -0.89 9.45 -9.32
N PHE A 169 -0.43 10.66 -9.01
CA PHE A 169 -1.33 11.80 -8.73
C PHE A 169 -2.11 12.25 -9.95
N GLN A 170 -1.42 12.36 -11.06
CA GLN A 170 -2.01 12.98 -12.24
C GLN A 170 -3.18 12.23 -12.89
N ASP A 171 -3.09 10.91 -13.01
CA ASP A 171 -4.14 10.18 -13.70
C ASP A 171 -4.87 9.15 -12.83
N HIS A 172 -4.58 9.17 -11.53
CA HIS A 172 -5.22 8.31 -10.54
C HIS A 172 -4.91 6.82 -10.68
N THR A 173 -3.85 6.48 -11.43
CA THR A 173 -3.52 5.05 -11.58
C THR A 173 -2.68 4.66 -10.40
N LYS A 174 -2.68 3.37 -10.08
CA LYS A 174 -2.07 2.89 -8.86
C LYS A 174 -1.49 1.50 -9.10
N LEU A 175 -0.34 1.24 -8.48
CA LEU A 175 0.21 -0.11 -8.40
C LEU A 175 0.27 -0.61 -6.99
N ILE A 176 -0.01 -1.90 -6.83
CA ILE A 176 0.18 -2.58 -5.57
C ILE A 176 1.10 -3.80 -5.81
N LEU A 177 2.32 -3.73 -5.27
CA LEU A 177 3.36 -4.76 -5.48
C LEU A 177 3.50 -5.61 -4.23
N CYS A 178 3.46 -6.93 -4.40
CA CYS A 178 3.67 -7.82 -3.28
C CYS A 178 4.85 -8.71 -3.66
N PRO A 179 5.94 -8.62 -2.90
CA PRO A 179 7.11 -9.50 -3.16
C PRO A 179 6.89 -10.98 -2.79
N LEU A 180 5.85 -11.26 -1.99
CA LEU A 180 5.59 -12.64 -1.52
C LEU A 180 4.90 -13.46 -2.62
N MET A 181 3.92 -12.83 -3.25
CA MET A 181 3.27 -13.35 -4.43
C MET A 181 4.03 -13.07 -5.71
N ALA A 182 4.99 -12.14 -5.64
CA ALA A 182 5.73 -11.64 -6.79
C ALA A 182 4.76 -11.19 -7.89
N ALA A 183 3.83 -10.32 -7.49
CA ALA A 183 2.70 -9.93 -8.27
C ALA A 183 2.60 -8.42 -8.22
N VAL A 184 1.96 -7.84 -9.22
CA VAL A 184 1.61 -6.42 -9.23
C VAL A 184 0.12 -6.31 -9.59
N THR A 185 -0.59 -5.42 -8.91
CA THR A 185 -1.96 -5.11 -9.26
C THR A 185 -1.87 -3.75 -9.84
N TYR A 186 -2.50 -3.57 -11.01
CA TYR A 186 -2.57 -2.27 -11.66
C TYR A 186 -4.01 -1.77 -11.68
N ILE A 187 -4.25 -0.59 -11.09
CA ILE A 187 -5.55 0.08 -11.19
C ILE A 187 -5.42 1.18 -12.20
N ASP A 188 -6.12 1.04 -13.34
CA ASP A 188 -5.94 1.99 -14.42
C ASP A 188 -6.86 3.21 -14.22
N GLU A 189 -6.83 4.12 -15.16
CA GLU A 189 -7.50 5.40 -15.01
C GLU A 189 -9.02 5.28 -14.97
N LYS A 190 -9.54 4.16 -15.49
CA LYS A 190 -10.98 3.89 -15.44
C LYS A 190 -11.36 2.90 -14.33
N ARG A 191 -10.48 2.80 -13.34
CA ARG A 191 -10.67 2.00 -12.13
C ARG A 191 -10.81 0.51 -12.38
N ASP A 192 -10.35 0.07 -13.54
CA ASP A 192 -10.23 -1.35 -13.73
C ASP A 192 -8.99 -1.88 -12.99
N PHE A 193 -9.17 -2.97 -12.28
CA PHE A 193 -8.19 -3.50 -11.34
C PHE A 193 -7.76 -4.84 -11.93
N ARG A 194 -6.45 -4.99 -12.19
CA ARG A 194 -5.93 -6.25 -12.75
C ARG A 194 -4.67 -6.65 -11.97
N THR A 195 -4.57 -7.93 -11.63
CA THR A 195 -3.42 -8.50 -10.90
C THR A 195 -2.63 -9.51 -11.78
N TYR A 196 -1.33 -9.26 -11.92
CA TYR A 196 -0.45 -10.07 -12.77
C TYR A 196 0.70 -10.69 -11.98
N ARG A 197 1.15 -11.89 -12.36
CA ARG A 197 2.40 -12.39 -11.78
C ARG A 197 3.51 -11.79 -12.59
N LEU A 198 4.47 -11.21 -11.89
CA LEU A 198 5.57 -10.49 -12.55
C LEU A 198 6.33 -11.42 -13.56
N SER A 199 6.62 -12.62 -13.15
CA SER A 199 7.33 -13.60 -14.03
C SER A 199 6.52 -13.92 -15.29
N LEU A 200 5.21 -13.89 -15.21
CA LEU A 200 4.38 -14.05 -16.40
C LEU A 200 4.40 -12.82 -17.31
N LEU A 201 4.46 -11.61 -16.74
CA LEU A 201 4.65 -10.44 -17.55
C LEU A 201 5.95 -10.55 -18.37
N GLU A 202 6.94 -11.28 -17.82
CA GLU A 202 8.24 -11.51 -18.50
C GLU A 202 8.02 -12.41 -19.72
N GLU A 203 7.16 -13.40 -19.56
CA GLU A 203 6.82 -14.34 -20.63
C GLU A 203 5.93 -13.72 -21.68
N TYR A 204 4.88 -12.99 -21.27
CA TYR A 204 3.86 -12.50 -22.20
C TYR A 204 3.91 -11.01 -22.57
N GLY A 205 4.60 -10.20 -21.77
CA GLY A 205 4.69 -8.76 -22.01
C GLY A 205 3.50 -7.98 -21.48
N CYS A 206 3.45 -6.70 -21.83
CA CYS A 206 2.41 -5.79 -21.33
C CYS A 206 2.43 -4.48 -22.13
N CYS A 207 1.43 -3.64 -21.94
CA CYS A 207 1.35 -2.35 -22.62
C CYS A 207 2.39 -1.32 -22.14
N LYS A 208 2.62 -0.29 -22.94
CA LYS A 208 3.57 0.76 -22.63
C LYS A 208 3.22 1.55 -21.35
N GLU A 209 1.92 1.63 -21.02
CA GLU A 209 1.49 2.30 -19.75
C GLU A 209 1.96 1.54 -18.51
N LEU A 210 1.66 0.24 -18.47
CA LEU A 210 2.06 -0.59 -17.34
C LEU A 210 3.59 -0.73 -17.30
N ALA A 211 4.21 -0.95 -18.47
CA ALA A 211 5.68 -1.04 -18.56
C ALA A 211 6.35 0.18 -17.96
N SER A 212 5.92 1.36 -18.40
CA SER A 212 6.44 2.62 -17.92
C SER A 212 6.29 2.77 -16.40
N ARG A 213 5.16 2.32 -15.88
CA ARG A 213 4.91 2.39 -14.42
C ARG A 213 5.72 1.42 -13.62
N LEU A 214 6.04 0.26 -14.19
CA LEU A 214 6.91 -0.71 -13.54
C LEU A 214 8.36 -0.23 -13.54
N ARG A 215 8.77 0.55 -14.54
CA ARG A 215 10.13 1.10 -14.52
C ARG A 215 10.23 2.17 -13.41
N TYR A 216 9.19 2.97 -13.29
CA TYR A 216 9.10 3.97 -12.21
C TYR A 216 9.10 3.28 -10.85
N ALA A 217 8.37 2.17 -10.74
CA ALA A 217 8.28 1.41 -9.48
C ALA A 217 9.64 0.93 -9.07
N ARG A 218 10.46 0.49 -10.02
CA ARG A 218 11.78 0.02 -9.64
C ARG A 218 12.62 1.18 -9.05
N THR A 219 12.52 2.35 -9.64
CA THR A 219 13.22 3.55 -9.14
C THR A 219 12.77 3.86 -7.67
N MET A 220 11.47 3.62 -7.38
CA MET A 220 10.91 3.87 -6.04
C MET A 220 11.38 2.86 -5.04
N VAL A 221 11.44 1.59 -5.43
CA VAL A 221 11.96 0.59 -4.53
C VAL A 221 13.44 0.85 -4.24
N ASP A 222 14.19 1.35 -5.22
CA ASP A 222 15.61 1.75 -4.98
C ASP A 222 15.68 2.84 -3.88
N LYS A 223 14.81 3.84 -3.95
CA LYS A 223 14.68 4.90 -2.88
C LYS A 223 14.36 4.33 -1.52
N LEU A 224 13.40 3.40 -1.46
CA LEU A 224 13.13 2.60 -0.26
C LEU A 224 14.33 1.86 0.34
N LEU A 225 15.06 1.15 -0.50
CA LEU A 225 16.26 0.46 -0.09
C LEU A 225 17.39 1.43 0.29
N SER A 226 17.43 2.61 -0.30
CA SER A 226 18.47 3.59 0.00
C SER A 226 18.24 4.24 1.39
N SER A 227 16.98 4.46 1.75
CA SER A 227 16.62 4.92 3.10
C SER A 227 16.80 3.78 4.13
N ARG A 228 16.73 2.54 3.65
CA ARG A 228 17.30 1.31 4.28
C ARG A 228 16.28 0.40 4.99
N PRO B 2 -0.23 16.61 -3.47
CA PRO B 2 -1.55 16.55 -2.91
C PRO B 2 -1.47 16.20 -1.43
N LEU B 3 -2.36 16.77 -0.61
CA LEU B 3 -2.34 16.54 0.82
C LEU B 3 -3.28 15.44 1.34
N HIS B 4 -4.04 14.84 0.44
CA HIS B 4 -4.85 13.70 0.78
C HIS B 4 -5.17 12.97 -0.50
N SER B 5 -5.61 11.73 -0.34
CA SER B 5 -6.05 10.93 -1.49
C SER B 5 -7.30 11.53 -2.18
#